data_6VPE
#
_entry.id   6VPE
#
_cell.length_a   167.860
_cell.length_b   46.140
_cell.length_c   38.310
_cell.angle_alpha   90.000
_cell.angle_beta   99.420
_cell.angle_gamma   90.000
#
_symmetry.space_group_name_H-M   'C 1 2 1'
#
loop_
_entity.id
_entity.type
_entity.pdbx_description
1 polymer 'Regulatory protein CII'
2 non-polymer 'IODIDE ION'
3 water water
#
_entity_poly.entity_id   1
_entity_poly.type   'polypeptide(L)'
_entity_poly.pdbx_seq_one_letter_code
;MGSSHHHHHHSSGLVPRGSHMFDFQVSKHPHYDEACRAFAQRHNMAKLAERAGMNVQTLRNKLNPEQPHQFTPPELWLLT
DLTEDSTLVDGFLAQIHCLPCVPVNELAKDKLQSYVMRAMSELGELASGAVSDERLTTARKHNMIESVNSGIRMLSLSAL
ALHAR
;
_entity_poly.pdbx_strand_id   A,B
#
# COMPACT_ATOMS: atom_id res chain seq x y z
N ASP A 23 14.60 0.51 -2.25
CA ASP A 23 14.95 0.88 -0.89
C ASP A 23 14.07 2.01 -0.38
N PHE A 24 13.25 1.71 0.63
CA PHE A 24 12.38 2.71 1.22
C PHE A 24 13.22 3.74 1.99
N GLN A 25 12.99 5.02 1.69
CA GLN A 25 13.69 6.11 2.35
C GLN A 25 12.74 7.28 2.53
N VAL A 26 12.98 8.06 3.59
CA VAL A 26 12.19 9.26 3.82
C VAL A 26 12.63 10.34 2.84
N SER A 27 11.67 11.02 2.22
CA SER A 27 11.98 12.06 1.25
C SER A 27 12.69 13.22 1.93
N LYS A 28 13.56 13.87 1.17
CA LYS A 28 14.31 15.03 1.65
C LYS A 28 13.50 16.32 1.64
N HIS A 29 12.25 16.26 1.18
CA HIS A 29 11.36 17.40 1.14
C HIS A 29 10.13 17.15 2.01
N PRO A 30 9.44 18.29 2.58
CA PRO A 30 8.26 18.08 3.44
C PRO A 30 6.99 17.85 2.64
N HIS A 31 6.93 16.69 1.98
CA HIS A 31 5.77 16.37 1.16
C HIS A 31 4.51 16.22 2.01
N TYR A 32 4.63 15.59 3.17
CA TYR A 32 3.45 15.35 4.00
C TYR A 32 2.89 16.63 4.57
N ASP A 33 3.75 17.50 5.09
CA ASP A 33 3.26 18.75 5.68
C ASP A 33 2.75 19.71 4.61
N GLU A 34 3.31 19.67 3.40
CA GLU A 34 2.77 20.45 2.30
C GLU A 34 1.38 19.98 1.93
N ALA A 35 1.14 18.66 2.01
CA ALA A 35 -0.20 18.14 1.78
C ALA A 35 -1.14 18.45 2.93
N CYS A 36 -0.62 18.47 4.16
CA CYS A 36 -1.43 18.90 5.29
C CYS A 36 -1.92 20.33 5.12
N ARG A 37 -1.03 21.21 4.64
CA ARG A 37 -1.45 22.58 4.38
C ARG A 37 -2.43 22.63 3.21
N ALA A 38 -2.13 21.93 2.12
CA ALA A 38 -3.04 21.92 0.97
C ALA A 38 -4.42 21.39 1.37
N PHE A 39 -4.45 20.32 2.18
CA PHE A 39 -5.72 19.78 2.65
C PHE A 39 -6.50 20.81 3.47
N ALA A 40 -5.79 21.69 4.17
CA ALA A 40 -6.47 22.70 4.97
C ALA A 40 -7.15 23.75 4.10
N GLN A 41 -6.58 24.07 2.94
CA GLN A 41 -7.20 25.01 2.03
C GLN A 41 -8.43 24.44 1.33
N ARG A 42 -8.51 23.12 1.18
CA ARG A 42 -9.55 22.51 0.35
C ARG A 42 -10.88 22.34 1.08
N HIS A 43 -10.88 22.39 2.41
CA HIS A 43 -12.09 22.13 3.17
C HIS A 43 -12.19 23.09 4.35
N ASN A 44 -13.39 23.21 4.89
CA ASN A 44 -13.64 23.98 6.10
C ASN A 44 -13.25 23.11 7.30
N MET A 45 -12.20 23.52 8.01
CA MET A 45 -11.71 22.71 9.12
C MET A 45 -12.70 22.70 10.28
N ALA A 46 -13.42 23.80 10.49
CA ALA A 46 -14.42 23.83 11.56
C ALA A 46 -15.55 22.85 11.27
N LYS A 47 -16.05 22.83 10.03
CA LYS A 47 -17.09 21.87 9.67
C LYS A 47 -16.56 20.44 9.72
N LEU A 48 -15.32 20.23 9.29
CA LEU A 48 -14.74 18.89 9.29
C LEU A 48 -14.54 18.37 10.71
N ALA A 49 -14.05 19.23 11.61
CA ALA A 49 -13.85 18.82 12.99
C ALA A 49 -15.17 18.43 13.64
N GLU A 50 -16.24 19.18 13.34
CA GLU A 50 -17.55 18.83 13.87
C GLU A 50 -18.09 17.55 13.24
N ARG A 51 -17.72 17.26 11.99
CA ARG A 51 -18.08 15.99 11.38
C ARG A 51 -17.42 14.84 12.11
N ALA A 52 -16.11 14.92 12.33
CA ALA A 52 -15.36 13.82 12.93
C ALA A 52 -15.58 13.69 14.43
N GLY A 53 -16.19 14.69 15.07
CA GLY A 53 -16.33 14.66 16.52
C GLY A 53 -15.11 15.11 17.27
N MET A 54 -14.22 15.87 16.64
CA MET A 54 -13.01 16.37 17.27
C MET A 54 -13.17 17.85 17.61
N ASN A 55 -12.43 18.28 18.62
CA ASN A 55 -12.29 19.71 18.88
C ASN A 55 -11.55 20.36 17.73
N VAL A 56 -11.99 21.56 17.33
CA VAL A 56 -11.44 22.19 16.14
C VAL A 56 -9.97 22.53 16.33
N GLN A 57 -9.57 22.89 17.56
CA GLN A 57 -8.16 23.16 17.82
C GLN A 57 -7.32 21.90 17.72
N THR A 58 -7.86 20.77 18.21
CA THR A 58 -7.15 19.51 18.11
C THR A 58 -6.93 19.11 16.65
N LEU A 59 -7.94 19.33 15.81
CA LEU A 59 -7.81 19.00 14.40
C LEU A 59 -6.82 19.92 13.70
N ARG A 60 -6.88 21.22 13.98
CA ARG A 60 -5.99 22.17 13.32
C ARG A 60 -4.53 21.91 13.68
N ASN A 61 -4.26 21.54 14.93
CA ASN A 61 -2.89 21.32 15.36
C ASN A 61 -2.30 20.05 14.75
N LYS A 62 -3.10 18.97 14.71
CA LYS A 62 -2.62 17.74 14.10
C LYS A 62 -2.34 17.92 12.61
N LEU A 63 -3.02 18.86 11.98
CA LEU A 63 -2.82 19.18 10.58
C LEU A 63 -1.76 20.27 10.36
N ASN A 64 -1.35 20.97 11.42
CA ASN A 64 -0.43 22.08 11.29
C ASN A 64 1.01 21.60 11.41
N PRO A 65 1.85 21.80 10.39
CA PRO A 65 3.28 21.43 10.53
C PRO A 65 3.96 22.11 11.70
N GLU A 66 3.44 23.23 12.20
CA GLU A 66 4.05 23.89 13.34
C GLU A 66 3.88 23.11 14.63
N GLN A 67 2.89 22.20 14.70
CA GLN A 67 2.57 21.54 15.95
C GLN A 67 3.07 20.09 15.94
N PRO A 68 3.65 19.63 17.06
CA PRO A 68 4.16 18.27 17.12
C PRO A 68 3.09 17.19 17.12
N HIS A 69 1.83 17.56 17.32
CA HIS A 69 0.76 16.58 17.33
C HIS A 69 0.50 16.06 15.93
N GLN A 70 0.31 14.74 15.83
CA GLN A 70 0.13 14.07 14.55
C GLN A 70 -1.16 13.26 14.55
N PHE A 71 -1.65 12.98 13.35
CA PHE A 71 -2.81 12.11 13.21
C PHE A 71 -2.40 10.65 13.43
N THR A 72 -3.36 9.85 13.88
CA THR A 72 -3.19 8.42 13.89
C THR A 72 -3.58 7.85 12.53
N PRO A 73 -3.16 6.63 12.21
CA PRO A 73 -3.55 6.03 10.93
C PRO A 73 -5.05 5.96 10.76
N PRO A 74 -5.83 5.57 11.78
CA PRO A 74 -7.29 5.59 11.58
C PRO A 74 -7.85 6.99 11.39
N GLU A 75 -7.32 7.99 12.10
CA GLU A 75 -7.79 9.36 11.90
C GLU A 75 -7.52 9.83 10.48
N LEU A 76 -6.52 9.26 9.80
CA LEU A 76 -6.26 9.62 8.41
C LEU A 76 -7.34 9.05 7.49
N TRP A 77 -7.78 7.81 7.74
CA TRP A 77 -8.86 7.24 6.94
C TRP A 77 -10.14 8.06 7.10
N LEU A 78 -10.51 8.35 8.35
CA LEU A 78 -11.78 9.01 8.62
C LEU A 78 -11.85 10.36 7.94
N LEU A 79 -10.76 11.15 8.04
CA LEU A 79 -10.72 12.42 7.33
C LEU A 79 -10.71 12.21 5.82
N THR A 80 -10.01 11.17 5.35
CA THR A 80 -10.06 10.83 3.94
C THR A 80 -11.46 10.41 3.53
N ASP A 81 -12.14 9.66 4.39
CA ASP A 81 -13.49 9.19 4.07
C ASP A 81 -14.51 10.32 4.16
N LEU A 82 -14.37 11.19 5.18
CA LEU A 82 -15.34 12.27 5.36
C LEU A 82 -15.25 13.30 4.25
N THR A 83 -14.03 13.59 3.79
CA THR A 83 -13.83 14.59 2.75
C THR A 83 -13.80 13.99 1.35
N GLU A 84 -13.64 12.67 1.23
CA GLU A 84 -13.43 12.01 -0.07
C GLU A 84 -12.23 12.63 -0.79
N ASP A 85 -11.20 12.99 -0.02
CA ASP A 85 -10.03 13.70 -0.52
C ASP A 85 -8.79 12.91 -0.14
N SER A 86 -7.99 12.52 -1.14
CA SER A 86 -6.77 11.76 -0.92
C SER A 86 -5.56 12.64 -0.66
N THR A 87 -5.74 13.96 -0.56
CA THR A 87 -4.61 14.88 -0.45
C THR A 87 -3.70 14.52 0.72
N LEU A 88 -4.29 14.21 1.87
CA LEU A 88 -3.49 13.82 3.03
C LEU A 88 -2.78 12.49 2.81
N VAL A 89 -3.52 11.49 2.29
CA VAL A 89 -2.93 10.19 2.06
C VAL A 89 -1.83 10.28 1.02
N ASP A 90 -2.02 11.10 -0.01
CA ASP A 90 -0.99 11.25 -1.04
C ASP A 90 0.27 11.88 -0.48
N GLY A 91 0.13 12.81 0.47
CA GLY A 91 1.30 13.40 1.11
C GLY A 91 2.01 12.43 2.03
N PHE A 92 1.24 11.61 2.76
CA PHE A 92 1.84 10.54 3.56
C PHE A 92 2.61 9.58 2.69
N LEU A 93 2.06 9.25 1.52
CA LEU A 93 2.73 8.33 0.60
C LEU A 93 3.96 8.98 -0.04
N ALA A 94 3.86 10.25 -0.39
CA ALA A 94 4.98 10.92 -1.06
C ALA A 94 6.19 11.07 -0.14
N GLN A 95 5.97 11.06 1.17
CA GLN A 95 7.10 11.19 2.10
C GLN A 95 8.02 9.97 2.04
N ILE A 96 7.54 8.84 1.55
CA ILE A 96 8.37 7.65 1.36
C ILE A 96 8.39 7.29 -0.12
N HIS A 97 8.19 8.30 -0.97
CA HIS A 97 8.27 8.16 -2.43
C HIS A 97 7.20 7.22 -3.00
N CYS A 98 6.10 7.01 -2.29
CA CYS A 98 5.00 6.23 -2.83
C CYS A 98 4.17 7.09 -3.76
N LEU A 99 3.69 6.48 -4.85
CA LEU A 99 2.76 7.17 -5.73
C LEU A 99 1.45 7.42 -4.98
N PRO A 100 0.70 8.45 -5.38
CA PRO A 100 -0.59 8.72 -4.73
C PRO A 100 -1.51 7.51 -4.83
N CYS A 101 -2.45 7.42 -3.89
CA CYS A 101 -3.35 6.28 -3.82
C CYS A 101 -4.15 6.12 -5.11
N VAL A 102 -4.27 4.88 -5.56
CA VAL A 102 -5.13 4.50 -6.68
C VAL A 102 -6.34 3.77 -6.10
N PRO A 103 -7.52 4.39 -6.07
CA PRO A 103 -8.69 3.70 -5.50
C PRO A 103 -9.11 2.53 -6.37
N VAL A 104 -9.69 1.53 -5.72
CA VAL A 104 -10.19 0.33 -6.39
C VAL A 104 -11.66 0.15 -6.06
N ASN A 105 -12.42 -0.33 -7.04
CA ASN A 105 -13.84 -0.67 -6.87
C ASN A 105 -14.07 -1.95 -7.66
N GLU A 106 -13.88 -3.09 -7.00
CA GLU A 106 -13.91 -4.38 -7.66
C GLU A 106 -14.80 -5.35 -6.89
N LEU A 107 -15.53 -6.18 -7.63
CA LEU A 107 -16.30 -7.28 -7.07
C LEU A 107 -15.87 -8.56 -7.76
N ALA A 108 -15.58 -9.60 -6.97
CA ALA A 108 -15.07 -10.86 -7.51
C ALA A 108 -16.25 -11.76 -7.84
N LYS A 109 -16.59 -11.82 -9.13
CA LYS A 109 -17.67 -12.71 -9.57
C LYS A 109 -17.18 -14.14 -9.75
N ASP A 110 -15.97 -14.30 -10.29
CA ASP A 110 -15.40 -15.62 -10.50
C ASP A 110 -14.49 -15.97 -9.31
N LYS A 111 -13.59 -16.94 -9.51
CA LYS A 111 -12.87 -17.59 -8.43
C LYS A 111 -11.40 -17.20 -8.47
N LEU A 112 -10.87 -16.82 -7.30
CA LEU A 112 -9.45 -16.70 -6.98
C LEU A 112 -8.52 -17.42 -7.95
N GLN A 113 -8.84 -18.68 -8.28
CA GLN A 113 -8.07 -19.40 -9.30
C GLN A 113 -8.09 -18.65 -10.63
N SER A 114 -9.28 -18.21 -11.06
CA SER A 114 -9.43 -17.65 -12.40
C SER A 114 -8.69 -16.33 -12.54
N TYR A 115 -8.55 -15.57 -11.46
CA TYR A 115 -7.79 -14.34 -11.53
C TYR A 115 -6.30 -14.62 -11.61
N VAL A 116 -5.84 -15.75 -11.06
CA VAL A 116 -4.42 -16.08 -11.12
C VAL A 116 -4.00 -16.40 -12.55
N MET A 117 -4.83 -17.12 -13.29
CA MET A 117 -4.45 -17.56 -14.63
C MET A 117 -4.55 -16.43 -15.65
N ARG A 118 -5.61 -15.61 -15.59
CA ARG A 118 -5.77 -14.53 -16.54
C ARG A 118 -4.75 -13.41 -16.35
N ALA A 119 -4.20 -13.27 -15.14
CA ALA A 119 -3.19 -12.26 -14.87
C ALA A 119 -1.88 -12.53 -15.60
N MET A 120 -1.80 -13.61 -16.36
CA MET A 120 -0.54 -14.07 -16.91
C MET A 120 -0.51 -14.06 -18.42
N SER A 121 -1.66 -14.16 -19.08
CA SER A 121 -1.75 -13.60 -20.42
C SER A 121 -1.24 -12.17 -20.39
N GLU A 122 -1.59 -11.43 -19.35
CA GLU A 122 -1.02 -10.10 -19.14
C GLU A 122 0.47 -10.19 -18.84
N LEU A 123 0.84 -10.99 -17.83
CA LEU A 123 2.24 -11.06 -17.42
C LEU A 123 3.11 -11.66 -18.51
N GLY A 124 2.62 -12.70 -19.19
CA GLY A 124 3.38 -13.27 -20.29
C GLY A 124 3.58 -12.30 -21.44
N GLU A 125 2.54 -11.52 -21.76
CA GLU A 125 2.69 -10.49 -22.78
C GLU A 125 3.59 -9.37 -22.30
N LEU A 126 3.60 -9.08 -20.99
CA LEU A 126 4.55 -8.12 -20.45
C LEU A 126 5.98 -8.65 -20.57
N ALA A 127 6.19 -9.94 -20.27
CA ALA A 127 7.51 -10.51 -20.39
C ALA A 127 7.95 -10.63 -21.85
N SER A 128 7.01 -10.82 -22.77
CA SER A 128 7.36 -10.96 -24.18
C SER A 128 8.01 -9.69 -24.73
N GLY A 129 7.53 -8.52 -24.31
CA GLY A 129 8.13 -7.28 -24.76
C GLY A 129 9.39 -6.89 -24.00
N ALA A 130 9.57 -7.41 -22.79
CA ALA A 130 10.73 -7.09 -21.99
C ALA A 130 11.92 -8.01 -22.26
N VAL A 131 11.69 -9.21 -22.78
CA VAL A 131 12.79 -10.15 -22.98
C VAL A 131 13.65 -9.72 -24.17
N SER A 132 13.03 -9.14 -25.20
CA SER A 132 13.74 -8.64 -26.37
C SER A 132 13.89 -7.13 -26.21
N ASP A 133 15.05 -6.70 -25.74
CA ASP A 133 15.32 -5.30 -25.44
C ASP A 133 16.18 -4.71 -26.55
N GLU A 134 15.54 -4.04 -27.51
CA GLU A 134 16.26 -3.36 -28.59
C GLU A 134 15.31 -2.29 -29.13
N ARG A 135 15.47 -1.06 -28.64
CA ARG A 135 14.57 0.04 -28.94
C ARG A 135 13.16 -0.24 -28.47
N LEU A 136 12.76 0.33 -27.34
CA LEU A 136 11.42 0.12 -26.81
C LEU A 136 10.43 1.04 -27.53
N THR A 137 9.41 0.44 -28.12
CA THR A 137 8.51 1.09 -29.06
C THR A 137 7.56 2.03 -28.33
N THR A 138 6.76 2.77 -29.09
CA THR A 138 5.57 3.43 -28.57
C THR A 138 4.37 2.47 -28.55
N ALA A 139 4.24 1.65 -29.60
CA ALA A 139 3.13 0.69 -29.64
C ALA A 139 3.29 -0.37 -28.57
N ARG A 140 4.52 -0.83 -28.33
CA ARG A 140 4.75 -1.86 -27.31
C ARG A 140 4.69 -1.28 -25.91
N LYS A 141 5.34 -0.13 -25.69
CA LYS A 141 5.25 0.55 -24.40
C LYS A 141 3.78 0.79 -24.04
N HIS A 142 2.98 1.23 -25.00
CA HIS A 142 1.54 1.30 -24.77
C HIS A 142 0.95 -0.08 -24.55
N ASN A 143 1.24 -1.02 -25.45
CA ASN A 143 0.55 -2.31 -25.41
C ASN A 143 0.96 -3.16 -24.21
N MET A 144 2.13 -2.91 -23.62
CA MET A 144 2.51 -3.63 -22.42
C MET A 144 1.91 -3.03 -21.16
N ILE A 145 1.29 -1.85 -21.25
CA ILE A 145 0.75 -1.21 -20.06
C ILE A 145 -0.66 -1.71 -19.74
N GLU A 146 -1.47 -2.05 -20.75
CA GLU A 146 -2.72 -2.75 -20.46
C GLU A 146 -2.44 -4.03 -19.69
N SER A 147 -1.46 -4.82 -20.18
CA SER A 147 -1.08 -6.03 -19.49
C SER A 147 -0.70 -5.76 -18.05
N VAL A 148 -0.04 -4.63 -17.79
CA VAL A 148 0.20 -4.21 -16.42
C VAL A 148 -1.11 -3.86 -15.73
N ASN A 149 -1.89 -2.97 -16.33
CA ASN A 149 -3.13 -2.53 -15.70
C ASN A 149 -4.15 -3.67 -15.61
N SER A 150 -4.26 -4.48 -16.67
CA SER A 150 -5.13 -5.65 -16.58
C SER A 150 -4.58 -6.67 -15.59
N GLY A 151 -3.26 -6.86 -15.58
CA GLY A 151 -2.66 -7.76 -14.61
C GLY A 151 -2.86 -7.31 -13.17
N ILE A 152 -2.77 -5.99 -12.94
CA ILE A 152 -3.02 -5.45 -11.60
C ILE A 152 -4.48 -5.68 -11.21
N ARG A 153 -5.40 -5.49 -12.16
CA ARG A 153 -6.82 -5.71 -11.87
C ARG A 153 -7.08 -7.16 -11.50
N MET A 154 -6.41 -8.10 -12.18
CA MET A 154 -6.59 -9.51 -11.84
C MET A 154 -6.02 -9.84 -10.46
N LEU A 155 -4.88 -9.22 -10.12
CA LEU A 155 -4.29 -9.46 -8.80
C LEU A 155 -5.17 -8.90 -7.69
N SER A 156 -5.69 -7.68 -7.87
CA SER A 156 -6.60 -7.12 -6.87
C SER A 156 -7.87 -7.93 -6.76
N LEU A 157 -8.34 -8.51 -7.87
CA LEU A 157 -9.48 -9.42 -7.81
C LEU A 157 -9.12 -10.73 -7.12
N SER A 158 -7.85 -11.14 -7.20
CA SER A 158 -7.42 -12.35 -6.50
C SER A 158 -7.50 -12.18 -4.99
N ALA A 159 -7.12 -11.00 -4.48
CA ALA A 159 -7.17 -10.76 -3.05
C ALA A 159 -8.60 -10.77 -2.52
N LEU A 160 -9.54 -10.18 -3.28
CA LEU A 160 -10.92 -10.14 -2.84
C LEU A 160 -11.54 -11.54 -2.83
N ALA A 161 -11.26 -12.34 -3.86
CA ALA A 161 -11.77 -13.70 -3.88
C ALA A 161 -11.10 -14.57 -2.83
N LEU A 162 -9.86 -14.24 -2.45
CA LEU A 162 -9.21 -14.97 -1.37
C LEU A 162 -9.81 -14.61 -0.02
N HIS A 163 -10.29 -13.37 0.15
CA HIS A 163 -10.98 -12.99 1.37
C HIS A 163 -12.33 -13.68 1.51
N ALA A 164 -12.93 -14.11 0.40
CA ALA A 164 -14.26 -14.71 0.42
C ALA A 164 -14.32 -15.97 1.26
N ARG A 165 -13.72 -17.05 0.76
CA ARG A 165 -13.73 -18.32 1.48
C ARG A 165 -12.75 -18.30 2.64
N PHE B 22 -13.75 5.82 -6.70
CA PHE B 22 -12.84 6.58 -5.85
C PHE B 22 -13.58 7.15 -4.65
N ASP B 23 -14.40 6.32 -4.01
CA ASP B 23 -15.22 6.73 -2.87
C ASP B 23 -14.51 6.58 -1.53
N PHE B 24 -13.25 6.11 -1.53
CA PHE B 24 -12.43 6.00 -0.33
C PHE B 24 -13.18 5.50 0.89
N GLN B 25 -14.11 4.57 0.68
CA GLN B 25 -14.87 4.01 1.79
C GLN B 25 -13.94 3.22 2.70
N VAL B 26 -14.17 3.35 4.01
CA VAL B 26 -13.39 2.58 4.98
C VAL B 26 -13.93 1.15 5.00
N SER B 27 -13.06 0.19 4.69
CA SER B 27 -13.48 -1.20 4.61
C SER B 27 -13.99 -1.69 5.97
N LYS B 28 -14.98 -2.59 5.90
CA LYS B 28 -15.53 -3.17 7.12
C LYS B 28 -14.57 -4.15 7.77
N HIS B 29 -13.58 -4.67 7.01
CA HIS B 29 -12.59 -5.61 7.48
C HIS B 29 -11.41 -4.90 8.13
N PRO B 30 -10.78 -5.50 9.12
CA PRO B 30 -9.59 -4.90 9.72
C PRO B 30 -8.33 -5.19 8.91
N HIS B 31 -8.27 -4.62 7.72
CA HIS B 31 -7.06 -4.75 6.88
C HIS B 31 -5.84 -4.26 7.62
N TYR B 32 -5.94 -3.11 8.28
CA TYR B 32 -4.79 -2.49 8.91
C TYR B 32 -4.40 -3.22 10.19
N ASP B 33 -5.39 -3.69 10.96
CA ASP B 33 -5.09 -4.44 12.18
C ASP B 33 -4.40 -5.76 11.86
N GLU B 34 -4.87 -6.46 10.82
CA GLU B 34 -4.23 -7.71 10.43
C GLU B 34 -2.84 -7.47 9.85
N ALA B 35 -2.60 -6.29 9.29
CA ALA B 35 -1.26 -5.97 8.79
C ALA B 35 -0.30 -5.73 9.95
N CYS B 36 -0.76 -5.09 11.02
CA CYS B 36 0.08 -4.90 12.20
C CYS B 36 0.43 -6.25 12.83
N ARG B 37 -0.54 -7.16 12.89
CA ARG B 37 -0.28 -8.47 13.47
C ARG B 37 0.72 -9.26 12.63
N ALA B 38 0.57 -9.22 11.30
CA ALA B 38 1.53 -9.89 10.43
C ALA B 38 2.91 -9.25 10.52
N PHE B 39 2.95 -7.92 10.60
CA PHE B 39 4.23 -7.23 10.73
C PHE B 39 4.90 -7.54 12.06
N ALA B 40 4.11 -7.68 13.13
CA ALA B 40 4.68 -7.97 14.44
C ALA B 40 5.32 -9.36 14.49
N GLN B 41 4.79 -10.32 13.74
CA GLN B 41 5.35 -11.66 13.70
C GLN B 41 6.47 -11.81 12.69
N ARG B 42 6.54 -10.93 11.68
CA ARG B 42 7.53 -11.05 10.62
C ARG B 42 8.89 -10.49 10.99
N HIS B 43 9.00 -9.71 12.06
CA HIS B 43 10.24 -9.03 12.40
C HIS B 43 10.56 -9.23 13.87
N ASN B 44 11.85 -9.07 14.20
CA ASN B 44 12.33 -9.11 15.58
C ASN B 44 11.99 -7.79 16.23
N MET B 45 11.11 -7.82 17.23
CA MET B 45 10.65 -6.58 17.85
C MET B 45 11.75 -5.88 18.62
N ALA B 46 12.62 -6.64 19.30
CA ALA B 46 13.67 -6.03 20.10
C ALA B 46 14.68 -5.30 19.22
N LYS B 47 15.16 -5.95 18.16
CA LYS B 47 16.11 -5.30 17.27
C LYS B 47 15.48 -4.12 16.55
N LEU B 48 14.24 -4.26 16.10
CA LEU B 48 13.57 -3.18 15.38
C LEU B 48 13.37 -1.97 16.28
N ALA B 49 13.01 -2.19 17.55
CA ALA B 49 12.84 -1.08 18.48
C ALA B 49 14.18 -0.39 18.75
N GLU B 50 15.27 -1.16 18.79
CA GLU B 50 16.59 -0.57 18.98
C GLU B 50 16.97 0.31 17.79
N ARG B 51 16.74 -0.19 16.57
CA ARG B 51 17.04 0.60 15.37
C ARG B 51 16.15 1.82 15.29
N ALA B 52 14.88 1.69 15.66
CA ALA B 52 13.93 2.80 15.61
C ALA B 52 14.08 3.76 16.78
N GLY B 53 14.91 3.44 17.77
CA GLY B 53 15.09 4.31 18.91
C GLY B 53 13.85 4.47 19.77
N MET B 54 13.09 3.40 19.95
CA MET B 54 11.86 3.42 20.73
C MET B 54 11.82 2.24 21.67
N ASN B 55 11.02 2.38 22.73
CA ASN B 55 10.84 1.29 23.69
C ASN B 55 10.13 0.13 23.01
N VAL B 56 10.63 -1.09 23.26
CA VAL B 56 10.05 -2.27 22.62
C VAL B 56 8.62 -2.49 23.08
N GLN B 57 8.28 -2.04 24.30
CA GLN B 57 6.89 -2.11 24.75
C GLN B 57 6.01 -1.17 23.95
N THR B 58 6.51 0.03 23.63
CA THR B 58 5.74 0.98 22.84
C THR B 58 5.48 0.45 21.44
N LEU B 59 6.45 -0.24 20.85
CA LEU B 59 6.27 -0.78 19.51
C LEU B 59 5.24 -1.90 19.50
N ARG B 60 5.24 -2.73 20.55
CA ARG B 60 4.26 -3.81 20.63
C ARG B 60 2.85 -3.27 20.84
N ASN B 61 2.70 -2.24 21.68
CA ASN B 61 1.38 -1.67 21.92
C ASN B 61 0.80 -1.05 20.66
N LYS B 62 1.63 -0.33 19.90
CA LYS B 62 1.16 0.29 18.67
C LYS B 62 0.91 -0.73 17.57
N LEU B 63 1.44 -1.94 17.70
CA LEU B 63 1.15 -3.02 16.77
C LEU B 63 -0.02 -3.89 17.21
N ASN B 64 -0.52 -3.71 18.43
CA ASN B 64 -1.62 -4.52 18.96
C ASN B 64 -2.93 -3.77 18.75
N PRO B 65 -3.88 -4.33 17.99
CA PRO B 65 -5.15 -3.63 17.77
C PRO B 65 -5.95 -3.40 19.04
N GLU B 66 -5.77 -4.22 20.07
CA GLU B 66 -6.50 -4.04 21.32
C GLU B 66 -5.93 -2.92 22.17
N GLN B 67 -4.69 -2.50 21.91
CA GLN B 67 -4.09 -1.38 22.62
C GLN B 67 -4.51 -0.06 21.99
N PRO B 68 -4.66 1.01 22.78
CA PRO B 68 -5.12 2.28 22.23
C PRO B 68 -4.04 3.11 21.58
N HIS B 69 -2.76 2.83 21.85
CA HIS B 69 -1.68 3.61 21.27
C HIS B 69 -1.49 3.24 19.80
N GLN B 70 -1.42 4.26 18.95
CA GLN B 70 -1.25 4.08 17.52
C GLN B 70 0.03 4.78 17.05
N PHE B 71 0.50 4.38 15.87
CA PHE B 71 1.68 4.98 15.30
C PHE B 71 1.39 6.42 14.85
N THR B 72 2.47 7.14 14.59
CA THR B 72 2.42 8.43 13.93
C THR B 72 2.98 8.31 12.52
N PRO B 73 2.69 9.26 11.64
CA PRO B 73 3.27 9.23 10.28
C PRO B 73 4.78 9.06 10.31
N PRO B 74 5.52 9.79 11.17
CA PRO B 74 6.98 9.55 11.21
C PRO B 74 7.34 8.13 11.59
N GLU B 75 6.59 7.51 12.50
CA GLU B 75 6.90 6.15 12.93
C GLU B 75 6.62 5.13 11.83
N LEU B 76 5.54 5.32 11.08
CA LEU B 76 5.23 4.41 9.98
C LEU B 76 6.28 4.53 8.88
N TRP B 77 6.70 5.76 8.56
CA TRP B 77 7.80 5.93 7.60
C TRP B 77 9.06 5.24 8.09
N LEU B 78 9.36 5.38 9.38
CA LEU B 78 10.60 4.83 9.93
C LEU B 78 10.60 3.31 9.89
N LEU B 79 9.53 2.69 10.39
CA LEU B 79 9.47 1.23 10.43
C LEU B 79 9.47 0.63 9.03
N THR B 80 8.89 1.33 8.06
CA THR B 80 8.90 0.84 6.69
C THR B 80 10.30 0.92 6.09
N ASP B 81 11.04 1.99 6.39
CA ASP B 81 12.39 2.13 5.84
C ASP B 81 13.36 1.16 6.51
N LEU B 82 13.24 0.96 7.82
CA LEU B 82 14.16 0.07 8.52
C LEU B 82 14.01 -1.37 8.07
N THR B 83 12.78 -1.81 7.81
CA THR B 83 12.50 -3.20 7.46
C THR B 83 12.39 -3.42 5.96
N GLU B 84 12.30 -2.35 5.16
CA GLU B 84 12.01 -2.45 3.73
C GLU B 84 10.74 -3.25 3.49
N ASP B 85 9.80 -3.15 4.42
CA ASP B 85 8.57 -3.93 4.40
C ASP B 85 7.38 -2.97 4.43
N SER B 86 6.60 -2.97 3.35
CA SER B 86 5.47 -2.06 3.20
C SER B 86 4.18 -2.65 3.75
N THR B 87 4.26 -3.68 4.60
CA THR B 87 3.06 -4.32 5.12
C THR B 87 2.16 -3.34 5.84
N LEU B 88 2.74 -2.47 6.68
CA LEU B 88 1.94 -1.49 7.40
C LEU B 88 1.29 -0.49 6.45
N VAL B 89 2.07 0.01 5.48
CA VAL B 89 1.54 0.95 4.50
C VAL B 89 0.47 0.27 3.65
N ASP B 90 0.72 -0.96 3.22
CA ASP B 90 -0.26 -1.68 2.42
C ASP B 90 -1.56 -1.90 3.19
N GLY B 91 -1.45 -2.30 4.45
CA GLY B 91 -2.65 -2.47 5.26
C GLY B 91 -3.39 -1.16 5.48
N PHE B 92 -2.64 -0.06 5.64
CA PHE B 92 -3.24 1.25 5.71
C PHE B 92 -4.03 1.57 4.44
N LEU B 93 -3.43 1.31 3.28
CA LEU B 93 -4.08 1.63 2.01
C LEU B 93 -5.28 0.73 1.75
N ALA B 94 -5.17 -0.55 2.11
CA ALA B 94 -6.29 -1.47 1.90
C ALA B 94 -7.50 -1.08 2.74
N GLN B 95 -7.28 -0.39 3.87
CA GLN B 95 -8.39 0.02 4.71
C GLN B 95 -9.28 1.04 4.02
N ILE B 96 -8.73 1.80 3.08
CA ILE B 96 -9.49 2.79 2.32
C ILE B 96 -9.60 2.39 0.85
N HIS B 97 -9.45 1.09 0.55
CA HIS B 97 -9.60 0.56 -0.80
C HIS B 97 -8.62 1.21 -1.78
N CYS B 98 -7.37 1.38 -1.34
CA CYS B 98 -6.29 1.88 -2.17
C CYS B 98 -5.35 0.75 -2.55
N LEU B 99 -4.75 0.86 -3.73
CA LEU B 99 -3.73 -0.08 -4.14
C LEU B 99 -2.49 0.05 -3.26
N PRO B 100 -1.71 -1.02 -3.10
CA PRO B 100 -0.49 -0.94 -2.28
C PRO B 100 0.48 0.09 -2.82
N CYS B 101 1.40 0.51 -1.94
CA CYS B 101 2.37 1.54 -2.29
C CYS B 101 3.24 1.09 -3.47
N VAL B 102 3.61 2.06 -4.29
CA VAL B 102 4.55 1.87 -5.38
C VAL B 102 5.67 2.89 -5.22
N PRO B 103 6.80 2.49 -4.61
CA PRO B 103 7.92 3.43 -4.43
C PRO B 103 8.66 3.65 -5.74
N VAL B 104 8.82 4.93 -6.11
CA VAL B 104 9.56 5.31 -7.30
C VAL B 104 10.99 5.75 -6.96
N ASN B 105 11.44 5.48 -5.74
CA ASN B 105 12.75 5.96 -5.31
C ASN B 105 13.87 5.35 -6.14
N GLU B 106 13.76 4.06 -6.48
CA GLU B 106 14.79 3.36 -7.22
C GLU B 106 14.38 3.07 -8.66
N LEU B 107 13.33 3.72 -9.16
CA LEU B 107 12.85 3.46 -10.50
C LEU B 107 13.94 3.75 -11.53
N ALA B 108 14.22 2.76 -12.38
CA ALA B 108 15.19 2.90 -13.44
C ALA B 108 14.73 2.10 -14.64
N LYS B 109 15.04 2.61 -15.84
CA LYS B 109 14.63 1.95 -17.07
C LYS B 109 15.26 0.57 -17.20
N ASP B 110 16.52 0.43 -16.76
CA ASP B 110 17.24 -0.82 -16.90
C ASP B 110 16.77 -1.90 -15.95
N LYS B 111 15.87 -1.58 -15.01
CA LYS B 111 15.37 -2.56 -14.05
C LYS B 111 14.05 -3.18 -14.47
N LEU B 112 13.62 -2.95 -15.72
CA LEU B 112 12.37 -3.52 -16.20
C LEU B 112 12.37 -5.04 -16.09
N GLN B 113 13.45 -5.68 -16.52
CA GLN B 113 13.51 -7.13 -16.49
C GLN B 113 13.46 -7.66 -15.07
N SER B 114 14.10 -6.96 -14.13
CA SER B 114 14.05 -7.40 -12.74
C SER B 114 12.66 -7.22 -12.14
N TYR B 115 11.95 -6.17 -12.55
CA TYR B 115 10.57 -5.99 -12.12
C TYR B 115 9.69 -7.15 -12.59
N VAL B 116 9.85 -7.53 -13.86
CA VAL B 116 9.03 -8.59 -14.43
C VAL B 116 9.32 -9.91 -13.73
N MET B 117 10.60 -10.24 -13.55
CA MET B 117 10.96 -11.53 -12.97
C MET B 117 10.54 -11.64 -11.50
N ARG B 118 10.47 -10.52 -10.79
CA ARG B 118 9.99 -10.56 -9.42
C ARG B 118 8.48 -10.81 -9.35
N ALA B 119 7.77 -10.65 -10.47
CA ALA B 119 6.32 -10.82 -10.45
C ALA B 119 5.92 -12.29 -10.37
N MET B 120 6.69 -13.19 -10.97
CA MET B 120 6.36 -14.61 -10.89
C MET B 120 6.64 -15.17 -9.50
N SER B 121 7.69 -14.69 -8.84
CA SER B 121 7.92 -15.08 -7.45
C SER B 121 6.69 -14.81 -6.60
N GLU B 122 6.05 -13.66 -6.81
CA GLU B 122 4.83 -13.34 -6.10
C GLU B 122 3.64 -14.08 -6.69
N LEU B 123 3.57 -14.17 -8.03
CA LEU B 123 2.44 -14.84 -8.66
C LEU B 123 2.54 -16.36 -8.55
N GLY B 124 3.76 -16.91 -8.62
CA GLY B 124 3.92 -18.34 -8.40
C GLY B 124 3.59 -18.73 -6.97
N GLU B 125 3.91 -17.88 -6.01
CA GLU B 125 3.46 -18.10 -4.63
C GLU B 125 1.95 -18.02 -4.55
N LEU B 126 1.35 -17.01 -5.18
CA LEU B 126 -0.10 -16.92 -5.23
C LEU B 126 -0.71 -18.11 -5.94
N ALA B 127 -0.04 -18.61 -6.99
CA ALA B 127 -0.55 -19.78 -7.70
C ALA B 127 -0.36 -21.05 -6.87
N SER B 128 0.72 -21.13 -6.08
CA SER B 128 0.91 -22.30 -5.23
C SER B 128 -0.21 -22.43 -4.21
N GLY B 129 -0.64 -21.31 -3.63
CA GLY B 129 -1.77 -21.33 -2.73
C GLY B 129 -3.12 -21.34 -3.43
N ALA B 130 -3.15 -21.00 -4.72
CA ALA B 130 -4.42 -20.95 -5.44
C ALA B 130 -4.99 -22.35 -5.64
N VAL B 131 -4.18 -23.28 -6.13
CA VAL B 131 -4.62 -24.66 -6.31
C VAL B 131 -4.80 -25.32 -4.95
N SER B 132 -5.39 -26.51 -4.94
CA SER B 132 -5.71 -27.20 -3.70
C SER B 132 -4.47 -27.50 -2.87
N ASP B 133 -4.36 -26.86 -1.71
CA ASP B 133 -3.22 -27.06 -0.80
C ASP B 133 -3.75 -26.96 0.62
N GLU B 134 -3.96 -28.12 1.26
CA GLU B 134 -4.41 -28.20 2.64
C GLU B 134 -5.72 -27.45 2.87
N ARG B 135 -5.69 -26.34 3.64
CA ARG B 135 -6.92 -25.64 4.02
C ARG B 135 -6.67 -24.17 4.35
N LEU B 136 -7.39 -23.60 5.32
CA LEU B 136 -7.37 -22.15 5.50
C LEU B 136 -6.50 -21.84 6.71
N THR B 137 -5.24 -21.53 6.46
CA THR B 137 -4.37 -20.98 7.49
C THR B 137 -4.71 -19.50 7.71
N THR B 138 -3.94 -18.87 8.60
CA THR B 138 -4.06 -17.42 8.82
C THR B 138 -2.80 -16.64 8.50
N ALA B 139 -1.65 -17.32 8.45
CA ALA B 139 -0.35 -16.76 8.14
C ALA B 139 -0.01 -16.88 6.66
N ARG B 140 -0.11 -18.08 6.10
CA ARG B 140 0.19 -18.22 4.69
C ARG B 140 -0.93 -17.70 3.77
N LYS B 141 -2.04 -17.19 4.30
CA LYS B 141 -2.99 -16.42 3.47
C LYS B 141 -2.69 -14.93 3.42
N HIS B 142 -2.39 -14.33 4.56
CA HIS B 142 -1.74 -13.04 4.46
C HIS B 142 -0.54 -13.14 3.56
N ASN B 143 0.28 -14.19 3.75
CA ASN B 143 1.40 -14.48 2.85
C ASN B 143 1.02 -14.31 1.38
N MET B 144 -0.15 -14.83 0.99
CA MET B 144 -0.59 -14.64 -0.39
C MET B 144 -1.02 -13.20 -0.64
N ILE B 145 -1.45 -12.49 0.40
CA ILE B 145 -1.82 -11.08 0.25
C ILE B 145 -0.58 -10.23 -0.03
N GLU B 146 0.53 -10.49 0.68
CA GLU B 146 1.77 -9.78 0.36
C GLU B 146 2.23 -10.09 -1.05
N SER B 147 2.04 -11.32 -1.51
CA SER B 147 2.40 -11.67 -2.88
C SER B 147 1.56 -10.88 -3.88
N VAL B 148 0.27 -10.72 -3.60
CA VAL B 148 -0.57 -9.87 -4.44
C VAL B 148 -0.08 -8.43 -4.39
N ASN B 149 0.20 -7.93 -3.20
CA ASN B 149 0.68 -6.55 -3.05
C ASN B 149 2.02 -6.37 -3.76
N SER B 150 2.97 -7.28 -3.53
CA SER B 150 4.27 -7.17 -4.17
C SER B 150 4.15 -7.37 -5.68
N GLY B 151 3.28 -8.29 -6.11
CA GLY B 151 3.05 -8.45 -7.54
C GLY B 151 2.47 -7.20 -8.17
N ILE B 152 1.54 -6.54 -7.48
CA ILE B 152 0.98 -5.28 -7.98
C ILE B 152 2.08 -4.22 -8.07
N ARG B 153 2.96 -4.16 -7.07
CA ARG B 153 4.03 -3.17 -7.09
C ARG B 153 5.01 -3.44 -8.21
N MET B 154 5.35 -4.71 -8.45
CA MET B 154 6.28 -5.04 -9.52
C MET B 154 5.68 -4.76 -10.89
N LEU B 155 4.38 -5.01 -11.05
CA LEU B 155 3.71 -4.66 -12.29
C LEU B 155 3.69 -3.15 -12.50
N SER B 156 3.39 -2.39 -11.44
CA SER B 156 3.34 -0.94 -11.56
C SER B 156 4.69 -0.37 -11.97
N LEU B 157 5.77 -0.84 -11.33
CA LEU B 157 7.10 -0.37 -11.67
C LEU B 157 7.53 -0.78 -13.08
N SER B 158 6.95 -1.86 -13.61
CA SER B 158 7.22 -2.22 -15.00
C SER B 158 6.64 -1.19 -15.97
N ALA B 159 5.41 -0.73 -15.70
CA ALA B 159 4.81 0.30 -16.54
C ALA B 159 5.54 1.62 -16.40
N LEU B 160 6.05 1.93 -15.20
CA LEU B 160 6.79 3.18 -15.02
C LEU B 160 8.16 3.12 -15.67
N ALA B 161 8.81 1.94 -15.65
CA ALA B 161 10.13 1.80 -16.23
C ALA B 161 10.14 1.94 -17.74
N LEU B 162 8.98 1.79 -18.39
CA LEU B 162 8.89 1.89 -19.85
C LEU B 162 9.17 3.30 -20.36
N HIS B 163 9.47 4.26 -19.50
CA HIS B 163 9.80 5.61 -19.93
C HIS B 163 11.22 5.97 -19.50
#